data_5CTT
#
_entry.id   5CTT
#
_cell.length_a   79.149
_cell.length_b   89.992
_cell.length_c   97.818
_cell.angle_alpha   90.00
_cell.angle_beta   90.00
_cell.angle_gamma   90.00
#
_symmetry.space_group_name_H-M   'P 21 21 21'
#
loop_
_entity.id
_entity.type
_entity.pdbx_description
1 polymer 'Importin subunit alpha-1'
2 polymer 'Squamous cell carcinoma antigen recognized by T-cells 3'
3 water water
#
loop_
_entity_poly.entity_id
_entity_poly.type
_entity_poly.pdbx_seq_one_letter_code
_entity_poly.pdbx_strand_id
1 'polypeptide(L)'
;MGSSHHHHHHSSGLVPRGSHMGTVNWSVEDIVKGINSNNLESQLQATQAARKLLSREKQPPIDNIIRAGLIPKFVSFLGK
TDCSPIQFESAWALTNIASGTSEQTKAVVDGGAIPAFISLLASPHAHISEQAVWALGNIAGDGSAFRDLVIKHGAIDPLL
ALLAVPDLSTLACGYLRNLTWTLSNLCRNKNPAPPLDAVEQILPTLVRLLHHNDPEVLADSCWAISYLTDGPNERIEMVV
KKGVVPQLVKLLGATELPIVTPALRAIGNIVTGTDEQTQKVIDAGALAVFPSLLTNPKTNIQKEATWTMSNITAGRQDQI
QQVVNHGLVPFLVGVLSKADFKTQKEAAWAITNYTSGGTVEQIVYLVHCGIIEPLMNLLSAKDTKIIQVILDAISNIFQA
AEKLGETEKLSIMIEECGGLDKIEALQRHENESVYKASLNLIEKYFS
;
A
2 'polypeptide(L)' LVPRGSRKRARAEKKALKKKKKIRGPEKRGADEDDEKEWGDDEEEQPSKRRRVEN B
#
# COMPACT_ATOMS: atom_id res chain seq x y z
N GLY A 22 -41.87 -0.56 13.74
CA GLY A 22 -41.79 0.49 12.74
C GLY A 22 -41.22 0.01 11.42
N THR A 23 -39.92 0.22 11.23
CA THR A 23 -39.27 -0.04 9.96
C THR A 23 -38.30 -1.22 10.02
N VAL A 24 -38.45 -2.05 11.06
CA VAL A 24 -37.57 -3.21 11.22
C VAL A 24 -38.10 -4.44 10.47
N ASN A 25 -37.22 -5.05 9.68
CA ASN A 25 -37.51 -6.30 8.96
C ASN A 25 -38.72 -6.27 8.01
N TRP A 26 -38.88 -5.16 7.29
CA TRP A 26 -39.84 -5.13 6.19
C TRP A 26 -39.40 -6.11 5.12
N SER A 27 -40.36 -6.62 4.36
CA SER A 27 -40.04 -7.38 3.17
C SER A 27 -39.73 -6.37 2.06
N VAL A 28 -39.00 -6.83 1.04
CA VAL A 28 -38.71 -5.98 -0.11
C VAL A 28 -40.00 -5.55 -0.80
N GLU A 29 -40.95 -6.47 -0.87
CA GLU A 29 -42.27 -6.21 -1.43
C GLU A 29 -42.96 -5.01 -0.76
N ASP A 30 -42.91 -4.96 0.57
CA ASP A 30 -43.51 -3.85 1.31
C ASP A 30 -42.74 -2.55 1.11
N ILE A 31 -41.41 -2.65 1.01
CA ILE A 31 -40.59 -1.49 0.71
C ILE A 31 -41.00 -0.92 -0.65
N VAL A 32 -41.15 -1.79 -1.64
CA VAL A 32 -41.58 -1.34 -2.97
C VAL A 32 -42.95 -0.65 -2.92
N LYS A 33 -43.88 -1.23 -2.17
CA LYS A 33 -45.20 -0.62 -2.02
C LYS A 33 -45.12 0.79 -1.42
N GLY A 34 -44.32 0.97 -0.38
CA GLY A 34 -44.20 2.28 0.25
C GLY A 34 -43.53 3.30 -0.67
N ILE A 35 -42.49 2.86 -1.37
CA ILE A 35 -41.77 3.73 -2.31
C ILE A 35 -42.64 4.17 -3.48
N ASN A 36 -43.52 3.28 -3.93
CA ASN A 36 -44.41 3.59 -5.05
C ASN A 36 -45.67 4.37 -4.67
N SER A 37 -45.76 4.79 -3.41
CA SER A 37 -46.99 5.39 -2.91
C SER A 37 -47.25 6.85 -3.31
N ASN A 38 -46.23 7.56 -3.78
CA ASN A 38 -46.38 9.02 -4.04
C ASN A 38 -46.77 9.81 -2.78
N ASN A 39 -46.50 9.24 -1.62
CA ASN A 39 -46.65 9.95 -0.35
C ASN A 39 -45.24 10.04 0.22
N LEU A 40 -44.69 11.25 0.30
CA LEU A 40 -43.28 11.40 0.67
C LEU A 40 -42.95 10.78 2.02
N GLU A 41 -43.86 10.92 2.98
CA GLU A 41 -43.63 10.35 4.30
C GLU A 41 -43.66 8.82 4.25
N SER A 42 -44.60 8.25 3.50
CA SER A 42 -44.59 6.79 3.27
C SER A 42 -43.30 6.35 2.59
N GLN A 43 -42.87 7.14 1.60
CA GLN A 43 -41.60 6.85 0.92
C GLN A 43 -40.41 6.91 1.89
N LEU A 44 -40.43 7.89 2.80
CA LEU A 44 -39.38 8.00 3.81
C LEU A 44 -39.35 6.77 4.72
N GLN A 45 -40.51 6.33 5.18
CA GLN A 45 -40.55 5.14 6.04
C GLN A 45 -40.00 3.92 5.31
N ALA A 46 -40.39 3.77 4.05
CA ALA A 46 -39.94 2.63 3.25
C ALA A 46 -38.44 2.70 2.94
N THR A 47 -37.92 3.91 2.74
CA THR A 47 -36.49 4.07 2.46
C THR A 47 -35.69 3.74 3.71
N GLN A 48 -36.16 4.22 4.86
CA GLN A 48 -35.54 3.83 6.13
C GLN A 48 -35.56 2.32 6.32
N ALA A 49 -36.69 1.67 5.99
CA ALA A 49 -36.80 0.22 6.09
C ALA A 49 -35.76 -0.47 5.21
N ALA A 50 -35.56 0.07 4.00
CA ALA A 50 -34.55 -0.43 3.08
C ALA A 50 -33.15 -0.26 3.65
N ARG A 51 -32.91 0.90 4.27
CA ARG A 51 -31.61 1.17 4.88
C ARG A 51 -31.32 0.15 5.97
N LYS A 52 -32.33 -0.20 6.76
CA LYS A 52 -32.13 -1.18 7.82
C LYS A 52 -31.83 -2.58 7.30
N LEU A 53 -32.55 -3.02 6.26
CA LEU A 53 -32.19 -4.28 5.60
C LEU A 53 -30.74 -4.25 5.11
N LEU A 54 -30.33 -3.13 4.51
CA LEU A 54 -29.02 -3.03 3.87
C LEU A 54 -27.88 -2.84 4.86
N SER A 55 -28.23 -2.46 6.08
CA SER A 55 -27.27 -2.21 7.16
C SER A 55 -27.14 -3.32 8.17
N ARG A 56 -27.91 -4.38 7.97
CA ARG A 56 -27.92 -5.47 8.93
C ARG A 56 -26.60 -6.22 8.87
N GLU A 57 -26.28 -6.91 9.95
CA GLU A 57 -24.98 -7.53 10.13
C GLU A 57 -24.68 -8.59 9.07
N LYS A 58 -25.69 -9.39 8.72
CA LYS A 58 -25.45 -10.56 7.89
C LYS A 58 -26.22 -10.54 6.57
N GLN A 59 -25.47 -10.73 5.47
CA GLN A 59 -26.02 -10.91 4.12
C GLN A 59 -27.03 -9.90 3.56
N PRO A 60 -26.72 -8.61 3.61
CA PRO A 60 -27.72 -7.63 3.12
C PRO A 60 -28.23 -8.02 1.75
N PRO A 61 -29.54 -7.89 1.56
CA PRO A 61 -30.16 -8.30 0.30
C PRO A 61 -30.00 -7.20 -0.72
N ILE A 62 -28.76 -7.03 -1.16
CA ILE A 62 -28.42 -6.02 -2.16
C ILE A 62 -29.00 -6.33 -3.53
N ASP A 63 -28.79 -7.54 -4.04
CA ASP A 63 -29.34 -7.91 -5.35
C ASP A 63 -30.87 -7.84 -5.38
N ASN A 64 -31.52 -8.28 -4.32
CA ASN A 64 -32.99 -8.18 -4.25
C ASN A 64 -33.48 -6.73 -4.34
N ILE A 65 -32.79 -5.82 -3.65
CA ILE A 65 -33.12 -4.40 -3.70
C ILE A 65 -32.89 -3.82 -5.10
N ILE A 66 -31.76 -4.17 -5.71
CA ILE A 66 -31.51 -3.76 -7.10
C ILE A 66 -32.56 -4.30 -8.06
N ARG A 67 -32.88 -5.60 -7.94
CA ARG A 67 -33.86 -6.23 -8.84
C ARG A 67 -35.24 -5.59 -8.74
N ALA A 68 -35.55 -5.05 -7.55
CA ALA A 68 -36.85 -4.42 -7.33
C ALA A 68 -36.95 -3.05 -8.00
N GLY A 69 -35.84 -2.57 -8.58
CA GLY A 69 -35.85 -1.32 -9.33
C GLY A 69 -35.82 -0.08 -8.45
N LEU A 70 -35.28 -0.23 -7.24
CA LEU A 70 -35.35 0.83 -6.24
C LEU A 70 -34.28 1.91 -6.39
N ILE A 71 -33.20 1.60 -7.10
CA ILE A 71 -32.12 2.58 -7.21
C ILE A 71 -32.53 3.95 -7.76
N PRO A 72 -33.25 4.00 -8.90
CA PRO A 72 -33.66 5.32 -9.40
C PRO A 72 -34.49 6.14 -8.41
N LYS A 73 -35.36 5.50 -7.64
CA LYS A 73 -36.13 6.20 -6.61
C LYS A 73 -35.19 6.77 -5.55
N PHE A 74 -34.30 5.94 -5.03
CA PHE A 74 -33.29 6.39 -4.05
C PHE A 74 -32.51 7.58 -4.58
N VAL A 75 -32.05 7.49 -5.82
CA VAL A 75 -31.29 8.60 -6.39
C VAL A 75 -32.15 9.87 -6.47
N SER A 76 -33.42 9.74 -6.85
CA SER A 76 -34.30 10.91 -6.86
C SER A 76 -34.46 11.52 -5.46
N PHE A 77 -34.48 10.68 -4.43
CA PHE A 77 -34.64 11.14 -3.04
C PHE A 77 -33.43 11.95 -2.56
N LEU A 78 -32.27 11.73 -3.17
CA LEU A 78 -31.07 12.49 -2.83
C LEU A 78 -31.28 13.99 -3.07
N GLY A 79 -32.17 14.32 -4.01
CA GLY A 79 -32.42 15.72 -4.34
C GLY A 79 -33.54 16.39 -3.55
N LYS A 80 -34.15 15.66 -2.61
CA LYS A 80 -35.27 16.18 -1.81
C LYS A 80 -34.80 17.12 -0.69
N THR A 81 -34.45 18.35 -1.02
CA THR A 81 -33.90 19.30 -0.06
C THR A 81 -34.85 19.60 1.11
N ASP A 82 -36.16 19.54 0.86
CA ASP A 82 -37.13 19.83 1.92
C ASP A 82 -37.36 18.64 2.84
N CYS A 83 -36.81 17.48 2.48
CA CYS A 83 -36.92 16.32 3.33
C CYS A 83 -35.52 15.76 3.58
N SER A 84 -34.74 16.43 4.42
CA SER A 84 -33.41 15.95 4.75
C SER A 84 -33.37 14.49 5.30
N PRO A 85 -34.39 14.06 6.07
CA PRO A 85 -34.35 12.65 6.47
C PRO A 85 -34.34 11.64 5.30
N ILE A 86 -35.08 11.90 4.22
CA ILE A 86 -35.07 10.93 3.12
C ILE A 86 -33.79 11.06 2.31
N GLN A 87 -33.19 12.25 2.29
CA GLN A 87 -31.86 12.40 1.69
C GLN A 87 -30.85 11.52 2.42
N PHE A 88 -30.88 11.56 3.74
CA PHE A 88 -29.97 10.76 4.55
C PHE A 88 -30.20 9.26 4.42
N GLU A 89 -31.45 8.84 4.52
CA GLU A 89 -31.78 7.42 4.41
C GLU A 89 -31.43 6.86 3.04
N SER A 90 -31.73 7.61 1.98
CA SER A 90 -31.40 7.12 0.66
C SER A 90 -29.89 7.13 0.42
N ALA A 91 -29.20 8.14 0.98
CA ALA A 91 -27.75 8.20 0.86
C ALA A 91 -27.09 6.99 1.51
N TRP A 92 -27.62 6.59 2.67
CA TRP A 92 -27.09 5.45 3.40
C TRP A 92 -27.40 4.15 2.65
N ALA A 93 -28.65 4.03 2.18
CA ALA A 93 -29.03 2.85 1.40
C ALA A 93 -28.12 2.70 0.19
N LEU A 94 -27.93 3.78 -0.56
CA LEU A 94 -27.11 3.71 -1.78
C LEU A 94 -25.64 3.47 -1.49
N THR A 95 -25.15 4.02 -0.37
CA THR A 95 -23.78 3.77 0.05
C THR A 95 -23.56 2.28 0.21
N ASN A 96 -24.52 1.60 0.83
CA ASN A 96 -24.37 0.19 1.12
C ASN A 96 -24.52 -0.69 -0.11
N ILE A 97 -25.41 -0.30 -1.03
CA ILE A 97 -25.47 -1.01 -2.30
C ILE A 97 -24.11 -0.88 -3.02
N ALA A 98 -23.56 0.33 -3.02
CA ALA A 98 -22.28 0.61 -3.70
C ALA A 98 -21.07 -0.01 -3.02
N SER A 99 -21.25 -0.52 -1.80
CA SER A 99 -20.18 -1.15 -1.05
C SER A 99 -19.93 -2.59 -1.52
N GLY A 100 -20.77 -3.07 -2.43
CA GLY A 100 -20.77 -4.48 -2.81
C GLY A 100 -19.86 -4.78 -3.99
N THR A 101 -20.28 -5.70 -4.84
CA THR A 101 -19.47 -6.08 -6.01
C THR A 101 -19.39 -4.94 -7.01
N SER A 102 -18.52 -5.08 -8.01
CA SER A 102 -18.46 -4.09 -9.08
C SER A 102 -19.78 -3.93 -9.81
N GLU A 103 -20.52 -5.02 -9.99
CA GLU A 103 -21.82 -4.94 -10.66
C GLU A 103 -22.80 -4.14 -9.81
N GLN A 104 -22.72 -4.32 -8.49
CA GLN A 104 -23.61 -3.61 -7.58
C GLN A 104 -23.26 -2.12 -7.55
N THR A 105 -21.97 -1.83 -7.51
CA THR A 105 -21.53 -0.43 -7.57
C THR A 105 -21.96 0.21 -8.90
N LYS A 106 -21.83 -0.54 -9.99
CA LYS A 106 -22.22 -0.04 -11.30
C LYS A 106 -23.71 0.31 -11.33
N ALA A 107 -24.54 -0.49 -10.67
CA ALA A 107 -25.97 -0.20 -10.66
C ALA A 107 -26.25 1.18 -10.05
N VAL A 108 -25.51 1.51 -8.99
CA VAL A 108 -25.63 2.81 -8.35
C VAL A 108 -25.18 3.92 -9.28
N VAL A 109 -24.02 3.75 -9.92
CA VAL A 109 -23.55 4.75 -10.88
C VAL A 109 -24.53 4.88 -12.05
N ASP A 110 -25.02 3.75 -12.56
CA ASP A 110 -25.93 3.77 -13.70
C ASP A 110 -27.24 4.50 -13.38
N GLY A 111 -27.58 4.60 -12.10
CA GLY A 111 -28.79 5.29 -11.69
C GLY A 111 -28.63 6.79 -11.55
N GLY A 112 -27.43 7.30 -11.88
CA GLY A 112 -27.18 8.72 -11.83
C GLY A 112 -26.69 9.23 -10.48
N ALA A 113 -26.22 8.33 -9.63
CA ALA A 113 -25.86 8.72 -8.25
C ALA A 113 -24.66 9.66 -8.12
N ILE A 114 -23.70 9.60 -9.04
CA ILE A 114 -22.48 10.40 -8.85
C ILE A 114 -22.77 11.92 -8.73
N PRO A 115 -23.45 12.52 -9.73
CA PRO A 115 -23.66 13.96 -9.54
C PRO A 115 -24.62 14.28 -8.39
N ALA A 116 -25.56 13.39 -8.10
CA ALA A 116 -26.48 13.62 -6.99
C ALA A 116 -25.72 13.64 -5.67
N PHE A 117 -24.74 12.75 -5.51
CA PHE A 117 -23.94 12.74 -4.27
C PHE A 117 -23.01 13.94 -4.18
N ILE A 118 -22.43 14.34 -5.30
CA ILE A 118 -21.59 15.55 -5.32
C ILE A 118 -22.39 16.80 -4.90
N SER A 119 -23.63 16.89 -5.33
CA SER A 119 -24.49 18.00 -4.90
C SER A 119 -24.73 17.97 -3.39
N LEU A 120 -24.81 16.77 -2.83
CA LEU A 120 -25.04 16.62 -1.39
C LEU A 120 -23.82 16.98 -0.52
N LEU A 121 -22.65 17.13 -1.14
CA LEU A 121 -21.47 17.50 -0.36
C LEU A 121 -21.65 18.90 0.26
N ALA A 122 -22.52 19.69 -0.36
CA ALA A 122 -22.81 21.07 0.09
C ALA A 122 -23.95 21.16 1.10
N SER A 123 -24.48 20.01 1.52
CA SER A 123 -25.58 19.99 2.47
C SER A 123 -25.21 20.65 3.79
N PRO A 124 -26.15 21.43 4.35
CA PRO A 124 -25.96 22.12 5.64
C PRO A 124 -25.92 21.11 6.77
N HIS A 125 -26.36 19.89 6.49
CA HIS A 125 -26.42 18.83 7.49
C HIS A 125 -25.16 17.98 7.42
N ALA A 126 -24.35 18.01 8.46
CA ALA A 126 -23.07 17.30 8.46
C ALA A 126 -23.24 15.81 8.21
N HIS A 127 -24.28 15.21 8.79
CA HIS A 127 -24.43 13.77 8.68
C HIS A 127 -24.80 13.34 7.26
N ILE A 128 -25.40 14.26 6.51
CA ILE A 128 -25.75 14.02 5.12
C ILE A 128 -24.55 14.23 4.20
N SER A 129 -23.81 15.30 4.40
CA SER A 129 -22.62 15.54 3.58
C SER A 129 -21.64 14.40 3.83
N GLU A 130 -21.54 13.98 5.09
CA GLU A 130 -20.67 12.85 5.44
C GLU A 130 -21.07 11.55 4.72
N GLN A 131 -22.37 11.27 4.66
CA GLN A 131 -22.82 10.07 3.95
C GLN A 131 -22.50 10.13 2.46
N ALA A 132 -22.62 11.32 1.87
CA ALA A 132 -22.28 11.51 0.46
C ALA A 132 -20.77 11.30 0.24
N VAL A 133 -19.95 11.79 1.15
CA VAL A 133 -18.49 11.56 1.09
C VAL A 133 -18.22 10.06 1.05
N TRP A 134 -18.88 9.34 1.96
CA TRP A 134 -18.70 7.89 2.06
C TRP A 134 -19.13 7.16 0.78
N ALA A 135 -20.31 7.51 0.27
CA ALA A 135 -20.80 6.87 -0.96
C ALA A 135 -19.84 7.09 -2.13
N LEU A 136 -19.34 8.32 -2.27
CA LEU A 136 -18.39 8.60 -3.36
C LEU A 136 -17.10 7.81 -3.18
N GLY A 137 -16.69 7.61 -1.92
CA GLY A 137 -15.53 6.77 -1.63
C GLY A 137 -15.74 5.34 -2.12
N ASN A 138 -16.92 4.77 -1.87
CA ASN A 138 -17.21 3.41 -2.34
C ASN A 138 -17.20 3.34 -3.86
N ILE A 139 -17.74 4.37 -4.51
CA ILE A 139 -17.78 4.36 -5.97
C ILE A 139 -16.37 4.47 -6.56
N ALA A 140 -15.60 5.46 -6.10
CA ALA A 140 -14.20 5.59 -6.53
C ALA A 140 -13.37 4.35 -6.18
N GLY A 141 -13.68 3.70 -5.04
CA GLY A 141 -12.94 2.50 -4.65
C GLY A 141 -13.11 1.31 -5.57
N ASP A 142 -14.06 1.39 -6.49
CA ASP A 142 -14.28 0.26 -7.38
C ASP A 142 -13.09 -0.01 -8.32
N GLY A 143 -12.41 1.05 -8.74
CA GLY A 143 -11.32 0.88 -9.69
C GLY A 143 -11.06 2.18 -10.42
N SER A 144 -10.10 2.17 -11.34
CA SER A 144 -9.66 3.40 -11.98
C SER A 144 -10.76 4.10 -12.76
N ALA A 145 -11.63 3.34 -13.42
CA ALA A 145 -12.65 3.94 -14.29
C ALA A 145 -13.64 4.78 -13.48
N PHE A 146 -14.18 4.20 -12.42
CA PHE A 146 -15.13 4.95 -11.58
C PHE A 146 -14.45 6.04 -10.76
N ARG A 147 -13.21 5.80 -10.33
CA ARG A 147 -12.41 6.84 -9.70
C ARG A 147 -12.35 8.06 -10.62
N ASP A 148 -11.97 7.83 -11.86
CA ASP A 148 -11.78 8.92 -12.79
C ASP A 148 -13.12 9.55 -13.17
N LEU A 149 -14.19 8.75 -13.16
CA LEU A 149 -15.51 9.33 -13.47
C LEU A 149 -16.00 10.24 -12.34
N VAL A 150 -15.76 9.83 -11.10
CA VAL A 150 -16.06 10.68 -9.95
C VAL A 150 -15.27 11.99 -10.05
N ILE A 151 -14.02 11.90 -10.45
CA ILE A 151 -13.20 13.10 -10.66
C ILE A 151 -13.75 13.98 -11.79
N LYS A 152 -14.16 13.37 -12.90
CA LYS A 152 -14.71 14.17 -14.01
C LYS A 152 -15.99 14.93 -13.64
N HIS A 153 -16.81 14.35 -12.76
CA HIS A 153 -18.06 14.98 -12.33
C HIS A 153 -17.76 16.12 -11.36
N GLY A 154 -16.49 16.32 -11.02
CA GLY A 154 -16.08 17.46 -10.21
C GLY A 154 -16.14 17.28 -8.71
N ALA A 155 -15.86 16.07 -8.23
CA ALA A 155 -15.93 15.79 -6.78
C ALA A 155 -14.82 16.45 -5.94
N ILE A 156 -13.66 16.69 -6.54
CA ILE A 156 -12.50 17.08 -5.75
C ILE A 156 -12.67 18.45 -5.10
N ASP A 157 -13.12 19.44 -5.86
CA ASP A 157 -13.26 20.77 -5.28
C ASP A 157 -14.20 20.84 -4.07
N PRO A 158 -15.40 20.26 -4.14
CA PRO A 158 -16.23 20.30 -2.93
C PRO A 158 -15.73 19.39 -1.80
N LEU A 159 -15.06 18.28 -2.11
CA LEU A 159 -14.46 17.46 -1.06
C LEU A 159 -13.38 18.25 -0.30
N LEU A 160 -12.49 18.91 -1.06
CA LEU A 160 -11.40 19.65 -0.43
C LEU A 160 -11.94 20.85 0.34
N ALA A 161 -13.04 21.41 -0.14
CA ALA A 161 -13.66 22.56 0.52
C ALA A 161 -14.12 22.23 1.94
N LEU A 162 -14.54 20.98 2.14
CA LEU A 162 -14.96 20.55 3.48
C LEU A 162 -13.82 20.53 4.48
N LEU A 163 -12.58 20.52 3.99
CA LEU A 163 -11.41 20.45 4.87
C LEU A 163 -10.68 21.78 4.95
N ALA A 164 -11.26 22.80 4.33
CA ALA A 164 -10.63 24.11 4.30
C ALA A 164 -10.94 24.89 5.57
N VAL A 165 -10.38 24.42 6.68
CA VAL A 165 -10.53 25.08 7.98
C VAL A 165 -9.13 25.35 8.52
N PRO A 166 -8.99 26.38 9.38
CA PRO A 166 -7.65 26.69 9.89
C PRO A 166 -7.07 25.54 10.73
N ASP A 167 -7.92 24.81 11.44
CA ASP A 167 -7.44 23.70 12.25
C ASP A 167 -8.36 22.49 12.11
N LEU A 168 -7.80 21.38 11.62
CA LEU A 168 -8.57 20.16 11.38
C LEU A 168 -9.24 19.63 12.65
N SER A 169 -8.66 19.99 13.80
CA SER A 169 -9.19 19.54 15.08
C SER A 169 -10.59 20.03 15.40
N THR A 170 -11.06 21.05 14.67
CA THR A 170 -12.42 21.56 14.89
C THR A 170 -13.49 20.68 14.23
N LEU A 171 -13.07 19.81 13.32
CA LEU A 171 -14.01 18.90 12.65
C LEU A 171 -14.29 17.66 13.51
N ALA A 172 -15.50 17.11 13.39
CA ALA A 172 -15.82 15.87 14.09
C ALA A 172 -14.87 14.77 13.60
N CYS A 173 -14.36 13.94 14.50
CA CYS A 173 -13.34 12.97 14.08
C CYS A 173 -13.86 11.91 13.09
N GLY A 174 -15.09 11.44 13.30
CA GLY A 174 -15.68 10.48 12.37
C GLY A 174 -15.80 11.08 10.98
N TYR A 175 -16.21 12.35 10.93
CA TYR A 175 -16.36 13.10 9.69
C TYR A 175 -15.01 13.21 8.98
N LEU A 176 -13.99 13.60 9.74
CA LEU A 176 -12.64 13.75 9.18
C LEU A 176 -12.07 12.41 8.66
N ARG A 177 -12.36 11.33 9.37
CA ARG A 177 -11.89 10.01 8.96
C ARG A 177 -12.51 9.57 7.65
N ASN A 178 -13.80 9.83 7.48
CA ASN A 178 -14.48 9.47 6.22
C ASN A 178 -13.95 10.29 5.06
N LEU A 179 -13.73 11.59 5.28
CA LEU A 179 -13.14 12.41 4.22
C LEU A 179 -11.75 11.93 3.82
N THR A 180 -10.93 11.58 4.81
CA THR A 180 -9.57 11.12 4.53
C THR A 180 -9.60 9.80 3.73
N TRP A 181 -10.49 8.90 4.12
CA TRP A 181 -10.60 7.61 3.44
C TRP A 181 -11.04 7.79 1.98
N THR A 182 -12.06 8.62 1.78
CA THR A 182 -12.51 8.88 0.41
C THR A 182 -11.42 9.53 -0.44
N LEU A 183 -10.71 10.51 0.11
CA LEU A 183 -9.59 11.09 -0.62
C LEU A 183 -8.53 10.04 -0.96
N SER A 184 -8.29 9.10 -0.05
CA SER A 184 -7.30 8.04 -0.35
C SER A 184 -7.74 7.16 -1.52
N ASN A 185 -9.04 6.89 -1.66
CA ASN A 185 -9.52 6.16 -2.83
C ASN A 185 -9.37 6.93 -4.14
N LEU A 186 -9.41 8.26 -4.06
CA LEU A 186 -9.14 9.06 -5.27
C LEU A 186 -7.66 8.97 -5.68
N CYS A 187 -6.79 8.60 -4.75
CA CYS A 187 -5.37 8.42 -5.00
C CYS A 187 -4.98 7.00 -5.37
N ARG A 188 -5.92 6.09 -5.20
CA ARG A 188 -5.71 4.66 -5.40
C ARG A 188 -5.85 4.13 -6.82
N ASN A 189 -5.22 3.00 -7.06
CA ASN A 189 -5.35 2.25 -8.29
C ASN A 189 -4.44 2.73 -9.42
N LYS A 190 -4.21 1.82 -10.36
CA LYS A 190 -3.28 2.01 -11.46
C LYS A 190 -3.88 1.56 -12.78
N ASN A 191 -3.15 1.79 -13.86
CA ASN A 191 -3.63 1.38 -15.19
CA ASN A 191 -3.62 1.41 -15.18
C ASN A 191 -5.01 1.99 -15.53
N PRO A 192 -5.12 3.33 -15.52
CA PRO A 192 -4.07 4.32 -15.27
C PRO A 192 -4.02 4.77 -13.82
N ALA A 193 -2.91 5.41 -13.43
CA ALA A 193 -2.84 6.12 -12.18
C ALA A 193 -3.78 7.31 -12.25
N PRO A 194 -4.09 7.93 -11.10
CA PRO A 194 -5.00 9.08 -11.14
C PRO A 194 -4.44 10.23 -11.98
N PRO A 195 -5.32 11.10 -12.50
CA PRO A 195 -4.86 12.21 -13.34
C PRO A 195 -3.85 13.07 -12.58
N LEU A 196 -2.78 13.46 -13.26
CA LEU A 196 -1.73 14.26 -12.62
C LEU A 196 -2.29 15.52 -11.98
N ASP A 197 -3.22 16.19 -12.66
CA ASP A 197 -3.76 17.43 -12.12
C ASP A 197 -4.60 17.18 -10.88
N ALA A 198 -5.29 16.04 -10.85
CA ALA A 198 -6.06 15.68 -9.66
C ALA A 198 -5.13 15.41 -8.48
N VAL A 199 -4.02 14.72 -8.75
CA VAL A 199 -3.04 14.46 -7.69
C VAL A 199 -2.47 15.77 -7.14
N GLU A 200 -2.11 16.70 -8.01
CA GLU A 200 -1.57 17.97 -7.55
C GLU A 200 -2.58 18.74 -6.73
N GLN A 201 -3.84 18.66 -7.12
CA GLN A 201 -4.92 19.35 -6.44
C GLN A 201 -5.13 18.81 -5.03
N ILE A 202 -5.05 17.48 -4.90
CA ILE A 202 -5.27 16.81 -3.61
C ILE A 202 -4.07 16.92 -2.65
N LEU A 203 -2.85 16.94 -3.19
CA LEU A 203 -1.65 16.77 -2.36
C LEU A 203 -1.53 17.72 -1.15
N PRO A 204 -1.80 19.03 -1.31
CA PRO A 204 -1.64 19.90 -0.14
C PRO A 204 -2.55 19.55 1.04
N THR A 205 -3.78 19.14 0.75
CA THR A 205 -4.68 18.72 1.82
C THR A 205 -4.23 17.39 2.41
N LEU A 206 -3.77 16.48 1.57
CA LEU A 206 -3.24 15.21 2.03
C LEU A 206 -2.04 15.41 2.98
N VAL A 207 -1.14 16.33 2.62
CA VAL A 207 0.00 16.64 3.49
C VAL A 207 -0.46 17.13 4.88
N ARG A 208 -1.52 17.92 4.89
N ARG A 208 -1.51 17.94 4.88
CA ARG A 208 -2.09 18.42 6.14
CA ARG A 208 -2.13 18.40 6.12
C ARG A 208 -2.70 17.30 6.98
C ARG A 208 -2.61 17.24 6.96
N LEU A 209 -3.37 16.35 6.33
CA LEU A 209 -3.93 15.19 7.01
C LEU A 209 -2.84 14.29 7.56
N LEU A 210 -1.72 14.22 6.84
CA LEU A 210 -0.58 13.40 7.25
C LEU A 210 0.08 13.93 8.52
N HIS A 211 -0.24 15.17 8.88
CA HIS A 211 0.25 15.75 10.14
C HIS A 211 -0.81 15.84 11.23
N HIS A 212 -1.98 15.26 10.99
CA HIS A 212 -3.08 15.36 11.93
C HIS A 212 -2.99 14.26 12.98
N ASN A 213 -3.28 14.60 14.23
CA ASN A 213 -3.10 13.62 15.29
C ASN A 213 -4.33 12.77 15.61
N ASP A 214 -4.75 11.95 14.65
CA ASP A 214 -5.73 10.90 14.88
C ASP A 214 -5.18 9.67 14.16
N PRO A 215 -5.11 8.53 14.86
CA PRO A 215 -4.48 7.33 14.31
C PRO A 215 -5.11 6.82 13.00
N GLU A 216 -6.44 6.89 12.88
CA GLU A 216 -7.09 6.45 11.65
C GLU A 216 -6.86 7.41 10.48
N VAL A 217 -6.90 8.71 10.73
CA VAL A 217 -6.57 9.69 9.70
C VAL A 217 -5.14 9.50 9.22
N LEU A 218 -4.23 9.26 10.17
CA LEU A 218 -2.82 9.04 9.82
C LEU A 218 -2.66 7.78 8.99
N ALA A 219 -3.31 6.69 9.40
CA ALA A 219 -3.22 5.45 8.63
C ALA A 219 -3.70 5.64 7.19
N ASP A 220 -4.89 6.21 7.02
CA ASP A 220 -5.44 6.38 5.67
C ASP A 220 -4.68 7.40 4.85
N SER A 221 -4.10 8.41 5.50
CA SER A 221 -3.24 9.36 4.80
C SER A 221 -1.99 8.66 4.30
N CYS A 222 -1.41 7.81 5.14
CA CYS A 222 -0.23 7.05 4.74
C CYS A 222 -0.56 6.11 3.59
N TRP A 223 -1.74 5.51 3.62
CA TRP A 223 -2.15 4.63 2.53
C TRP A 223 -2.19 5.43 1.24
N ALA A 224 -2.79 6.61 1.30
CA ALA A 224 -2.89 7.47 0.11
C ALA A 224 -1.51 7.80 -0.46
N ILE A 225 -0.60 8.25 0.40
CA ILE A 225 0.77 8.52 -0.01
C ILE A 225 1.42 7.26 -0.59
N SER A 226 1.15 6.09 -0.02
CA SER A 226 1.72 4.86 -0.57
C SER A 226 1.22 4.58 -1.99
N TYR A 227 -0.05 4.90 -2.26
CA TYR A 227 -0.56 4.75 -3.62
C TYR A 227 0.09 5.75 -4.57
N LEU A 228 0.22 7.00 -4.13
CA LEU A 228 0.78 8.03 -5.01
C LEU A 228 2.25 7.76 -5.36
N THR A 229 2.95 7.05 -4.49
CA THR A 229 4.36 6.74 -4.72
C THR A 229 4.57 5.38 -5.39
N ASP A 230 3.47 4.67 -5.63
CA ASP A 230 3.55 3.37 -6.31
C ASP A 230 3.45 3.60 -7.82
N GLY A 231 4.56 4.02 -8.41
CA GLY A 231 4.58 4.35 -9.83
C GLY A 231 5.94 4.82 -10.30
N PRO A 232 5.98 5.45 -11.48
CA PRO A 232 7.22 5.96 -12.11
C PRO A 232 7.89 7.04 -11.27
N ASN A 233 9.17 7.31 -11.50
CA ASN A 233 9.89 8.29 -10.69
C ASN A 233 9.23 9.67 -10.69
N GLU A 234 8.54 10.01 -11.77
CA GLU A 234 7.87 11.30 -11.88
C GLU A 234 6.75 11.46 -10.84
N ARG A 235 6.05 10.36 -10.57
CA ARG A 235 5.00 10.32 -9.55
C ARG A 235 5.59 10.41 -8.14
N ILE A 236 6.66 9.66 -7.91
CA ILE A 236 7.36 9.73 -6.63
C ILE A 236 7.83 11.16 -6.35
N GLU A 237 8.36 11.81 -7.38
CA GLU A 237 8.90 13.15 -7.25
C GLU A 237 7.84 14.15 -6.79
N MET A 238 6.64 14.04 -7.35
CA MET A 238 5.52 14.91 -6.97
C MET A 238 5.26 14.87 -5.46
N VAL A 239 5.43 13.70 -4.88
CA VAL A 239 5.22 13.52 -3.44
C VAL A 239 6.43 13.99 -2.64
N VAL A 240 7.61 13.55 -3.05
CA VAL A 240 8.83 13.87 -2.32
C VAL A 240 9.06 15.39 -2.26
N LYS A 241 8.70 16.05 -3.34
CA LYS A 241 8.85 17.49 -3.50
C LYS A 241 7.98 18.26 -2.49
N LYS A 242 6.92 17.62 -2.02
CA LYS A 242 6.00 18.21 -1.04
C LYS A 242 6.59 18.13 0.36
N GLY A 243 7.76 17.51 0.48
CA GLY A 243 8.50 17.52 1.73
C GLY A 243 7.98 16.57 2.80
N VAL A 244 7.25 15.52 2.39
CA VAL A 244 6.61 14.62 3.36
C VAL A 244 7.53 13.53 3.91
N VAL A 245 8.72 13.38 3.36
CA VAL A 245 9.56 12.25 3.80
C VAL A 245 9.87 12.26 5.32
N PRO A 246 10.28 13.41 5.89
CA PRO A 246 10.49 13.43 7.34
C PRO A 246 9.27 12.96 8.16
N GLN A 247 8.08 13.35 7.75
CA GLN A 247 6.88 12.91 8.47
C GLN A 247 6.63 11.41 8.27
N LEU A 248 6.90 10.89 7.08
CA LEU A 248 6.77 9.44 6.87
C LEU A 248 7.72 8.68 7.78
N VAL A 249 8.95 9.17 7.90
CA VAL A 249 9.94 8.52 8.76
C VAL A 249 9.49 8.53 10.21
N LYS A 250 8.89 9.63 10.63
CA LYS A 250 8.32 9.72 11.97
C LYS A 250 7.22 8.68 12.20
N LEU A 251 6.33 8.53 11.22
CA LEU A 251 5.20 7.63 11.36
C LEU A 251 5.67 6.18 11.29
N LEU A 252 6.83 5.99 10.65
CA LEU A 252 7.50 4.69 10.59
C LEU A 252 7.80 4.19 12.00
N GLY A 253 7.99 5.12 12.93
CA GLY A 253 8.22 4.76 14.32
C GLY A 253 6.97 4.69 15.19
N ALA A 254 5.79 4.78 14.58
CA ALA A 254 4.55 4.76 15.36
C ALA A 254 4.39 3.41 16.08
N THR A 255 3.61 3.40 17.15
CA THR A 255 3.37 2.15 17.86
C THR A 255 2.20 1.41 17.23
N GLU A 256 1.34 2.14 16.51
CA GLU A 256 0.20 1.52 15.83
C GLU A 256 0.64 0.84 14.53
N LEU A 257 0.50 -0.48 14.47
CA LEU A 257 0.76 -1.22 13.23
C LEU A 257 -0.01 -0.72 12.00
N PRO A 258 -1.28 -0.28 12.17
CA PRO A 258 -1.98 0.22 10.98
C PRO A 258 -1.37 1.51 10.43
N ILE A 259 -0.53 2.19 11.20
CA ILE A 259 0.17 3.35 10.68
C ILE A 259 1.51 2.93 10.09
N VAL A 260 2.25 2.08 10.81
CA VAL A 260 3.57 1.64 10.37
C VAL A 260 3.49 0.94 9.02
N THR A 261 2.47 0.10 8.83
CA THR A 261 2.36 -0.65 7.60
C THR A 261 2.35 0.22 6.30
N PRO A 262 1.41 1.18 6.19
CA PRO A 262 1.45 2.02 4.98
C PRO A 262 2.62 3.02 4.95
N ALA A 263 3.05 3.52 6.11
CA ALA A 263 4.22 4.40 6.15
C ALA A 263 5.42 3.68 5.57
N LEU A 264 5.61 2.42 5.95
CA LEU A 264 6.71 1.63 5.42
C LEU A 264 6.54 1.34 3.94
N ARG A 265 5.31 1.08 3.50
CA ARG A 265 5.10 0.87 2.06
C ARG A 265 5.46 2.11 1.26
N ALA A 266 5.10 3.29 1.76
CA ALA A 266 5.42 4.54 1.05
C ALA A 266 6.91 4.79 0.98
N ILE A 267 7.60 4.54 2.09
CA ILE A 267 9.06 4.70 2.13
C ILE A 267 9.71 3.72 1.17
N GLY A 268 9.24 2.46 1.20
CA GLY A 268 9.72 1.45 0.28
C GLY A 268 9.53 1.83 -1.18
N ASN A 269 8.35 2.35 -1.51
CA ASN A 269 8.08 2.85 -2.85
C ASN A 269 9.04 3.95 -3.26
N ILE A 270 9.26 4.91 -2.37
CA ILE A 270 10.15 6.02 -2.69
C ILE A 270 11.57 5.56 -3.03
N VAL A 271 12.07 4.54 -2.32
CA VAL A 271 13.44 4.09 -2.60
C VAL A 271 13.54 3.17 -3.84
N THR A 272 12.41 2.91 -4.50
CA THR A 272 12.49 2.28 -5.83
C THR A 272 12.82 3.35 -6.89
N GLY A 273 12.88 4.61 -6.47
CA GLY A 273 13.07 5.73 -7.38
C GLY A 273 14.52 6.02 -7.71
N THR A 274 14.84 7.29 -7.94
CA THR A 274 16.20 7.70 -8.28
C THR A 274 17.12 7.61 -7.07
N ASP A 275 18.44 7.67 -7.30
CA ASP A 275 19.38 7.72 -6.18
C ASP A 275 19.13 8.96 -5.33
N GLU A 276 18.70 10.04 -5.95
CA GLU A 276 18.46 11.29 -5.21
C GLU A 276 17.20 11.20 -4.35
N GLN A 277 16.18 10.52 -4.87
CA GLN A 277 14.95 10.31 -4.09
C GLN A 277 15.24 9.37 -2.92
N THR A 278 16.02 8.33 -3.16
CA THR A 278 16.46 7.42 -2.11
C THR A 278 17.24 8.18 -1.03
N GLN A 279 18.05 9.14 -1.43
CA GLN A 279 18.87 9.89 -0.48
C GLN A 279 18.02 10.73 0.47
N LYS A 280 16.86 11.18 0.02
CA LYS A 280 15.97 11.95 0.89
C LYS A 280 15.51 11.09 2.05
N VAL A 281 15.24 9.84 1.76
CA VAL A 281 14.82 8.89 2.80
C VAL A 281 15.94 8.68 3.83
N ILE A 282 17.16 8.50 3.35
CA ILE A 282 18.31 8.37 4.24
C ILE A 282 18.57 9.64 5.05
N ASP A 283 18.50 10.80 4.41
CA ASP A 283 18.75 12.07 5.10
C ASP A 283 17.73 12.30 6.21
N ALA A 284 16.52 11.79 6.01
CA ALA A 284 15.45 11.98 6.98
C ALA A 284 15.57 11.09 8.21
N GLY A 285 16.51 10.14 8.18
CA GLY A 285 16.79 9.31 9.35
C GLY A 285 16.12 7.95 9.34
N ALA A 286 15.67 7.50 8.17
CA ALA A 286 14.91 6.24 8.09
C ALA A 286 15.72 5.06 8.55
N LEU A 287 17.03 5.08 8.32
CA LEU A 287 17.83 3.88 8.54
C LEU A 287 17.89 3.54 10.03
N ALA A 288 17.74 4.55 10.88
CA ALA A 288 17.80 4.32 12.32
C ALA A 288 16.61 3.51 12.86
N VAL A 289 15.52 3.45 12.08
CA VAL A 289 14.33 2.70 12.47
C VAL A 289 14.47 1.23 12.09
N PHE A 290 15.40 0.93 11.21
CA PHE A 290 15.46 -0.42 10.66
C PHE A 290 15.91 -1.58 11.57
N PRO A 291 16.73 -1.31 12.61
CA PRO A 291 16.96 -2.44 13.51
C PRO A 291 15.68 -3.02 14.08
N SER A 292 14.72 -2.16 14.39
CA SER A 292 13.44 -2.65 14.91
C SER A 292 12.55 -3.22 13.81
N LEU A 293 12.56 -2.60 12.62
CA LEU A 293 11.73 -3.09 11.52
C LEU A 293 12.19 -4.47 11.05
N LEU A 294 13.51 -4.66 11.02
CA LEU A 294 14.08 -5.93 10.51
C LEU A 294 13.99 -7.07 11.52
N THR A 295 13.58 -6.75 12.75
CA THR A 295 13.30 -7.76 13.78
C THR A 295 11.84 -7.74 14.23
N ASN A 296 10.99 -7.08 13.44
CA ASN A 296 9.60 -6.89 13.84
C ASN A 296 8.85 -8.22 13.93
N PRO A 297 8.03 -8.38 14.97
CA PRO A 297 7.31 -9.65 15.11
C PRO A 297 6.26 -9.86 14.02
N LYS A 298 5.86 -8.80 13.33
CA LYS A 298 4.97 -8.98 12.17
C LYS A 298 5.76 -9.34 10.93
N THR A 299 5.51 -10.54 10.42
CA THR A 299 6.21 -11.07 9.25
C THR A 299 6.17 -10.11 8.05
N ASN A 300 5.00 -9.51 7.81
CA ASN A 300 4.85 -8.59 6.68
C ASN A 300 5.73 -7.35 6.81
N ILE A 301 5.88 -6.83 8.02
CA ILE A 301 6.78 -5.70 8.27
C ILE A 301 8.25 -6.08 8.00
N GLN A 302 8.68 -7.23 8.50
CA GLN A 302 10.05 -7.68 8.24
C GLN A 302 10.28 -7.82 6.75
N LYS A 303 9.32 -8.41 6.05
CA LYS A 303 9.47 -8.60 4.61
C LYS A 303 9.56 -7.29 3.84
N GLU A 304 8.64 -6.38 4.10
CA GLU A 304 8.66 -5.06 3.48
C GLU A 304 9.92 -4.26 3.83
N ALA A 305 10.37 -4.36 5.07
CA ALA A 305 11.58 -3.66 5.47
C ALA A 305 12.81 -4.25 4.78
N THR A 306 12.82 -5.56 4.59
CA THR A 306 13.97 -6.18 3.92
C THR A 306 13.97 -5.88 2.42
N TRP A 307 12.78 -5.88 1.81
CA TRP A 307 12.64 -5.45 0.43
C TRP A 307 13.18 -4.02 0.27
N THR A 308 12.80 -3.15 1.20
CA THR A 308 13.26 -1.75 1.19
C THR A 308 14.78 -1.70 1.27
N MET A 309 15.35 -2.47 2.19
CA MET A 309 16.81 -2.51 2.32
C MET A 309 17.46 -2.95 1.01
N SER A 310 16.85 -3.91 0.33
CA SER A 310 17.43 -4.42 -0.92
C SER A 310 17.50 -3.33 -2.00
N ASN A 311 16.57 -2.40 -1.97
CA ASN A 311 16.59 -1.28 -2.92
C ASN A 311 17.54 -0.17 -2.50
N ILE A 312 17.81 -0.10 -1.20
CA ILE A 312 18.82 0.83 -0.74
C ILE A 312 20.22 0.29 -1.06
N THR A 313 20.43 -1.02 -0.91
CA THR A 313 21.75 -1.57 -1.24
C THR A 313 21.95 -1.68 -2.75
N ALA A 314 20.89 -1.40 -3.52
CA ALA A 314 21.02 -1.27 -4.97
C ALA A 314 21.45 0.13 -5.35
N GLY A 315 21.72 0.97 -4.33
CA GLY A 315 22.03 2.37 -4.55
C GLY A 315 23.50 2.67 -4.74
N ARG A 316 23.88 3.93 -4.50
CA ARG A 316 25.27 4.35 -4.66
C ARG A 316 26.16 3.73 -3.58
N GLN A 317 27.47 3.77 -3.79
CA GLN A 317 28.39 3.29 -2.77
C GLN A 317 28.33 4.07 -1.46
N ASP A 318 28.06 5.37 -1.51
CA ASP A 318 27.90 6.17 -0.29
C ASP A 318 26.62 5.83 0.48
N GLN A 319 25.63 5.30 -0.24
CA GLN A 319 24.36 4.89 0.39
C GLN A 319 24.54 3.50 1.02
N ILE A 320 25.25 2.62 0.32
CA ILE A 320 25.67 1.36 0.95
C ILE A 320 26.47 1.62 2.23
N GLN A 321 27.32 2.65 2.19
CA GLN A 321 28.15 2.98 3.36
C GLN A 321 27.30 3.43 4.56
N GLN A 322 26.22 4.13 4.28
CA GLN A 322 25.29 4.52 5.33
C GLN A 322 24.60 3.32 5.98
N VAL A 323 24.27 2.32 5.16
CA VAL A 323 23.71 1.05 5.65
C VAL A 323 24.72 0.39 6.59
N VAL A 324 25.98 0.34 6.15
CA VAL A 324 27.06 -0.11 7.02
C VAL A 324 27.16 0.68 8.32
N ASN A 325 27.24 2.01 8.21
CA ASN A 325 27.40 2.87 9.38
C ASN A 325 26.26 2.77 10.39
N HIS A 326 25.05 2.52 9.91
CA HIS A 326 23.91 2.36 10.81
C HIS A 326 23.86 0.98 11.45
N GLY A 327 24.86 0.14 11.17
CA GLY A 327 24.96 -1.16 11.78
C GLY A 327 23.94 -2.15 11.26
N LEU A 328 23.49 -1.94 10.02
CA LEU A 328 22.40 -2.73 9.48
C LEU A 328 22.85 -4.03 8.82
N VAL A 329 24.14 -4.17 8.55
CA VAL A 329 24.60 -5.41 7.95
C VAL A 329 24.38 -6.63 8.85
N PRO A 330 24.72 -6.54 10.16
CA PRO A 330 24.36 -7.67 11.03
C PRO A 330 22.86 -8.00 11.03
N PHE A 331 22.00 -6.99 10.90
CA PHE A 331 20.57 -7.28 10.81
C PHE A 331 20.18 -8.03 9.55
N LEU A 332 20.85 -7.72 8.44
CA LEU A 332 20.65 -8.49 7.21
C LEU A 332 21.14 -9.93 7.34
N VAL A 333 22.29 -10.13 8.01
CA VAL A 333 22.78 -11.48 8.30
C VAL A 333 21.75 -12.23 9.14
N GLY A 334 21.14 -11.52 10.10
CA GLY A 334 20.10 -12.12 10.92
C GLY A 334 18.87 -12.56 10.14
N VAL A 335 18.34 -11.68 9.30
CA VAL A 335 17.18 -12.03 8.49
C VAL A 335 17.47 -13.19 7.54
N LEU A 336 18.68 -13.21 6.99
CA LEU A 336 19.10 -14.30 6.11
C LEU A 336 19.18 -15.62 6.88
N SER A 337 19.62 -15.53 8.13
CA SER A 337 19.80 -16.73 8.95
C SER A 337 18.45 -17.32 9.37
N LYS A 338 17.49 -16.46 9.69
CA LYS A 338 16.22 -16.94 10.20
C LYS A 338 15.14 -15.90 9.99
N ALA A 339 14.16 -16.26 9.17
CA ALA A 339 13.00 -15.42 8.87
C ALA A 339 12.03 -16.26 8.05
N ASP A 340 10.84 -15.72 7.83
CA ASP A 340 9.91 -16.33 6.88
C ASP A 340 10.66 -16.43 5.54
N PHE A 341 10.41 -17.47 4.75
CA PHE A 341 11.20 -17.66 3.53
C PHE A 341 11.13 -16.49 2.56
N LYS A 342 9.97 -15.84 2.47
CA LYS A 342 9.80 -14.70 1.58
C LYS A 342 10.73 -13.57 1.98
N THR A 343 10.88 -13.37 3.27
CA THR A 343 11.80 -12.37 3.81
C THR A 343 13.25 -12.76 3.55
N GLN A 344 13.56 -14.05 3.68
CA GLN A 344 14.91 -14.52 3.40
C GLN A 344 15.28 -14.24 1.95
N LYS A 345 14.31 -14.34 1.06
CA LYS A 345 14.56 -14.06 -0.35
C LYS A 345 14.84 -12.58 -0.60
N GLU A 346 14.11 -11.69 0.08
CA GLU A 346 14.44 -10.27 0.01
C GLU A 346 15.84 -10.00 0.55
N ALA A 347 16.26 -10.77 1.57
CA ALA A 347 17.58 -10.56 2.15
C ALA A 347 18.65 -11.01 1.15
N ALA A 348 18.38 -12.10 0.45
CA ALA A 348 19.31 -12.60 -0.55
C ALA A 348 19.51 -11.54 -1.63
N TRP A 349 18.41 -10.96 -2.08
CA TRP A 349 18.45 -9.83 -3.01
C TRP A 349 19.25 -8.66 -2.45
N ALA A 350 19.02 -8.32 -1.18
CA ALA A 350 19.75 -7.21 -0.58
C ALA A 350 21.26 -7.46 -0.65
N ILE A 351 21.66 -8.70 -0.40
CA ILE A 351 23.09 -9.07 -0.43
C ILE A 351 23.65 -9.04 -1.86
N THR A 352 22.95 -9.64 -2.81
CA THR A 352 23.40 -9.59 -4.20
C THR A 352 23.55 -8.16 -4.71
N ASN A 353 22.58 -7.30 -4.40
CA ASN A 353 22.71 -5.89 -4.75
C ASN A 353 23.90 -5.21 -4.09
N TYR A 354 24.10 -5.50 -2.81
CA TYR A 354 25.22 -4.96 -2.04
C TYR A 354 26.53 -5.38 -2.72
N THR A 355 26.64 -6.67 -3.06
CA THR A 355 27.89 -7.17 -3.61
C THR A 355 28.12 -6.71 -5.05
N SER A 356 27.04 -6.41 -5.75
CA SER A 356 27.10 -5.88 -7.10
C SER A 356 27.58 -4.42 -7.19
N GLY A 357 27.14 -3.57 -6.26
CA GLY A 357 27.46 -2.16 -6.28
C GLY A 357 28.52 -1.72 -5.29
N GLY A 358 28.84 -2.57 -4.32
CA GLY A 358 29.72 -2.15 -3.24
C GLY A 358 31.20 -2.12 -3.60
N THR A 359 31.99 -1.44 -2.78
CA THR A 359 33.45 -1.48 -2.91
C THR A 359 34.01 -2.80 -2.41
N VAL A 360 35.27 -3.06 -2.74
CA VAL A 360 35.93 -4.24 -2.20
C VAL A 360 35.87 -4.24 -0.66
N GLU A 361 36.18 -3.10 -0.07
CA GLU A 361 36.20 -2.92 1.39
C GLU A 361 34.83 -3.20 2.00
N GLN A 362 33.79 -2.71 1.36
CA GLN A 362 32.41 -2.97 1.81
C GLN A 362 32.09 -4.45 1.73
N ILE A 363 32.56 -5.10 0.67
CA ILE A 363 32.30 -6.54 0.50
C ILE A 363 33.06 -7.39 1.52
N VAL A 364 34.30 -6.99 1.84
CA VAL A 364 35.09 -7.64 2.87
C VAL A 364 34.34 -7.57 4.21
N TYR A 365 33.86 -6.37 4.52
CA TYR A 365 33.08 -6.12 5.74
C TYR A 365 31.88 -7.06 5.84
N LEU A 366 31.20 -7.26 4.72
CA LEU A 366 30.05 -8.14 4.66
C LEU A 366 30.41 -9.58 5.06
N VAL A 367 31.53 -10.09 4.53
CA VAL A 367 31.96 -11.44 4.89
C VAL A 367 32.34 -11.54 6.38
N HIS A 368 33.01 -10.51 6.89
CA HIS A 368 33.39 -10.47 8.30
C HIS A 368 32.16 -10.47 9.21
N CYS A 369 31.02 -9.99 8.71
CA CYS A 369 29.79 -9.97 9.51
C CYS A 369 29.11 -11.32 9.55
N GLY A 370 29.60 -12.26 8.75
CA GLY A 370 29.11 -13.63 8.79
C GLY A 370 28.10 -13.99 7.70
N ILE A 371 28.16 -13.33 6.55
CA ILE A 371 27.16 -13.59 5.52
C ILE A 371 27.27 -14.99 4.86
N ILE A 372 28.48 -15.56 4.83
CA ILE A 372 28.69 -16.76 4.01
C ILE A 372 27.86 -17.98 4.43
N GLU A 373 27.88 -18.32 5.70
CA GLU A 373 27.15 -19.50 6.16
C GLU A 373 25.62 -19.44 5.92
N PRO A 374 24.96 -18.31 6.29
CA PRO A 374 23.51 -18.31 6.02
C PRO A 374 23.19 -18.28 4.53
N LEU A 375 24.06 -17.69 3.73
CA LEU A 375 23.92 -17.69 2.27
C LEU A 375 23.98 -19.13 1.76
N MET A 376 24.98 -19.89 2.21
CA MET A 376 25.13 -21.28 1.79
C MET A 376 23.97 -22.16 2.24
N ASN A 377 23.48 -21.95 3.46
CA ASN A 377 22.32 -22.73 3.94
C ASN A 377 21.08 -22.57 3.06
N LEU A 378 20.92 -21.41 2.44
CA LEU A 378 19.75 -21.14 1.60
C LEU A 378 19.84 -21.79 0.22
N LEU A 379 21.01 -22.32 -0.11
CA LEU A 379 21.21 -23.02 -1.37
C LEU A 379 20.46 -24.36 -1.42
N SER A 380 19.85 -24.74 -0.30
CA SER A 380 19.05 -25.95 -0.25
C SER A 380 17.55 -25.64 -0.40
N ALA A 381 17.24 -24.37 -0.66
CA ALA A 381 15.86 -23.97 -0.91
C ALA A 381 15.40 -24.48 -2.27
N LYS A 382 14.16 -24.93 -2.34
CA LYS A 382 13.58 -25.34 -3.60
C LYS A 382 12.93 -24.14 -4.27
N ASP A 383 13.77 -23.16 -4.59
CA ASP A 383 13.33 -21.98 -5.33
C ASP A 383 14.48 -21.58 -6.25
N THR A 384 14.26 -21.72 -7.55
CA THR A 384 15.30 -21.47 -8.54
C THR A 384 15.80 -20.04 -8.47
N LYS A 385 14.89 -19.09 -8.33
CA LYS A 385 15.25 -17.69 -8.29
C LYS A 385 16.23 -17.36 -7.14
N ILE A 386 15.93 -17.78 -5.92
CA ILE A 386 16.83 -17.48 -4.81
C ILE A 386 18.19 -18.14 -4.99
N ILE A 387 18.20 -19.33 -5.61
CA ILE A 387 19.48 -20.00 -5.90
C ILE A 387 20.34 -19.16 -6.86
N GLN A 388 19.71 -18.66 -7.92
CA GLN A 388 20.40 -17.81 -8.90
C GLN A 388 20.95 -16.55 -8.24
N VAL A 389 20.14 -15.95 -7.37
CA VAL A 389 20.50 -14.72 -6.68
C VAL A 389 21.71 -14.94 -5.78
N ILE A 390 21.72 -16.06 -5.06
CA ILE A 390 22.83 -16.40 -4.15
C ILE A 390 24.12 -16.72 -4.91
N LEU A 391 24.01 -17.52 -5.97
CA LEU A 391 25.18 -17.83 -6.80
C LEU A 391 25.81 -16.56 -7.39
N ASP A 392 24.96 -15.61 -7.80
CA ASP A 392 25.43 -14.31 -8.23
C ASP A 392 26.21 -13.57 -7.14
N ALA A 393 25.67 -13.61 -5.91
CA ALA A 393 26.32 -12.94 -4.79
C ALA A 393 27.70 -13.55 -4.54
N ILE A 394 27.75 -14.88 -4.49
CA ILE A 394 29.00 -15.61 -4.28
C ILE A 394 30.02 -15.25 -5.33
N SER A 395 29.59 -15.25 -6.60
CA SER A 395 30.45 -14.85 -7.70
C SER A 395 30.99 -13.44 -7.49
N ASN A 396 30.11 -12.52 -7.12
CA ASN A 396 30.49 -11.14 -6.81
C ASN A 396 31.52 -11.05 -5.68
N ILE A 397 31.34 -11.91 -4.66
CA ILE A 397 32.24 -11.90 -3.52
C ILE A 397 33.60 -12.50 -3.88
N PHE A 398 33.59 -13.53 -4.74
CA PHE A 398 34.84 -14.09 -5.25
C PHE A 398 35.63 -13.07 -6.06
N GLN A 399 34.94 -12.27 -6.87
CA GLN A 399 35.59 -11.23 -7.66
C GLN A 399 36.31 -10.23 -6.77
N ALA A 400 35.76 -9.99 -5.59
CA ALA A 400 36.41 -9.14 -4.61
C ALA A 400 37.62 -9.86 -4.01
N ALA A 401 37.47 -11.16 -3.78
CA ALA A 401 38.55 -11.96 -3.21
C ALA A 401 39.76 -11.99 -4.16
N GLU A 402 39.48 -12.05 -5.46
CA GLU A 402 40.52 -12.01 -6.49
C GLU A 402 41.36 -10.74 -6.38
N LYS A 403 40.70 -9.61 -6.12
CA LYS A 403 41.40 -8.32 -6.02
C LYS A 403 42.28 -8.22 -4.77
N LEU A 404 42.08 -9.14 -3.82
CA LEU A 404 42.90 -9.16 -2.61
C LEU A 404 43.74 -10.43 -2.58
N GLY A 405 43.55 -11.27 -3.59
CA GLY A 405 44.25 -12.55 -3.67
C GLY A 405 43.88 -13.50 -2.55
N GLU A 406 42.60 -13.54 -2.19
CA GLU A 406 42.13 -14.32 -1.04
C GLU A 406 41.02 -15.29 -1.43
N THR A 407 41.02 -15.72 -2.69
CA THR A 407 40.01 -16.64 -3.19
C THR A 407 40.03 -17.98 -2.45
N GLU A 408 41.21 -18.33 -1.93
CA GLU A 408 41.44 -19.58 -1.23
C GLU A 408 40.79 -19.56 0.15
N LYS A 409 41.01 -18.48 0.90
CA LYS A 409 40.40 -18.30 2.21
C LYS A 409 38.88 -18.39 2.11
N LEU A 410 38.32 -17.73 1.10
CA LEU A 410 36.88 -17.77 0.86
C LEU A 410 36.46 -19.17 0.46
N SER A 411 37.28 -19.79 -0.38
CA SER A 411 37.03 -21.16 -0.84
C SER A 411 36.96 -22.13 0.34
N ILE A 412 37.77 -21.86 1.35
CA ILE A 412 37.81 -22.69 2.55
C ILE A 412 36.58 -22.45 3.43
N MET A 413 36.23 -21.18 3.62
CA MET A 413 35.03 -20.80 4.40
C MET A 413 33.79 -21.51 3.86
N ILE A 414 33.68 -21.55 2.53
CA ILE A 414 32.52 -22.16 1.87
C ILE A 414 32.49 -23.68 2.05
N GLU A 415 33.65 -24.33 1.93
CA GLU A 415 33.75 -25.76 2.14
C GLU A 415 33.38 -26.15 3.58
N GLU A 416 33.90 -25.39 4.54
CA GLU A 416 33.71 -25.69 5.95
C GLU A 416 32.26 -25.64 6.44
N CYS A 417 31.46 -24.72 5.90
CA CYS A 417 30.06 -24.65 6.28
C CYS A 417 29.18 -25.54 5.41
N GLY A 418 29.79 -26.33 4.55
CA GLY A 418 29.05 -27.30 3.73
C GLY A 418 28.52 -26.70 2.44
N GLY A 419 29.00 -25.52 2.09
CA GLY A 419 28.51 -24.84 0.91
C GLY A 419 28.99 -25.47 -0.38
N LEU A 420 30.21 -26.02 -0.36
CA LEU A 420 30.81 -26.60 -1.55
C LEU A 420 30.04 -27.80 -2.12
N ASP A 421 29.58 -28.71 -1.26
CA ASP A 421 28.80 -29.84 -1.76
C ASP A 421 27.31 -29.50 -1.95
N LYS A 422 26.97 -28.23 -1.79
CA LYS A 422 25.69 -27.72 -2.29
C LYS A 422 25.92 -27.16 -3.69
N ILE A 423 27.01 -26.39 -3.84
CA ILE A 423 27.40 -25.86 -5.14
C ILE A 423 27.73 -27.00 -6.09
N GLU A 424 28.43 -28.01 -5.59
CA GLU A 424 28.78 -29.17 -6.40
C GLU A 424 27.50 -29.86 -6.90
N ALA A 425 26.55 -30.06 -6.00
CA ALA A 425 25.28 -30.70 -6.35
C ALA A 425 24.43 -29.85 -7.31
N LEU A 426 24.64 -28.54 -7.28
CA LEU A 426 23.90 -27.64 -8.17
C LEU A 426 24.37 -27.73 -9.62
N GLN A 427 25.55 -28.28 -9.84
CA GLN A 427 26.07 -28.53 -11.19
C GLN A 427 25.15 -29.46 -11.97
N ARG A 428 24.28 -30.19 -11.29
CA ARG A 428 23.36 -31.14 -11.96
C ARG A 428 21.91 -30.68 -11.96
N HIS A 429 21.69 -29.39 -11.72
CA HIS A 429 20.37 -28.81 -11.50
C HIS A 429 19.70 -28.60 -12.85
N GLU A 430 18.36 -28.66 -12.87
CA GLU A 430 17.63 -28.52 -14.13
C GLU A 430 17.84 -27.17 -14.81
N ASN A 431 17.72 -26.02 -14.12
CA ASN A 431 17.89 -24.68 -14.71
C ASN A 431 19.26 -24.39 -15.20
N GLU A 432 19.32 -23.80 -16.35
CA GLU A 432 20.54 -23.57 -17.05
C GLU A 432 21.47 -22.69 -16.40
N SER A 433 21.02 -21.58 -15.94
CA SER A 433 21.87 -20.72 -15.11
C SER A 433 22.33 -21.38 -13.85
N VAL A 434 21.53 -22.08 -13.14
CA VAL A 434 22.02 -22.60 -11.98
C VAL A 434 23.09 -23.55 -12.26
N TYR A 435 22.87 -24.51 -13.18
CA TYR A 435 23.96 -25.50 -13.42
C TYR A 435 25.10 -24.96 -13.99
N LYS A 436 24.92 -23.97 -14.88
CA LYS A 436 26.03 -23.28 -15.50
C LYS A 436 26.88 -22.46 -14.53
N ALA A 437 26.24 -21.71 -13.62
CA ALA A 437 27.01 -20.83 -12.72
C ALA A 437 27.63 -21.67 -11.74
N SER A 438 26.91 -22.64 -11.44
CA SER A 438 27.44 -23.42 -10.55
C SER A 438 28.68 -24.14 -11.05
N LEU A 439 28.67 -24.64 -12.26
CA LEU A 439 29.84 -25.23 -12.85
C LEU A 439 30.86 -24.22 -12.91
N ASN A 440 30.55 -23.04 -13.23
CA ASN A 440 31.66 -22.21 -13.32
C ASN A 440 32.43 -22.07 -12.02
N LEU A 441 31.70 -21.94 -10.93
CA LEU A 441 32.30 -21.70 -9.64
C LEU A 441 33.21 -22.82 -9.25
N ILE A 442 32.78 -24.06 -9.45
CA ILE A 442 33.65 -25.12 -9.07
C ILE A 442 34.92 -25.16 -9.88
N GLU A 443 34.86 -25.08 -11.19
CA GLU A 443 36.15 -25.21 -11.81
C GLU A 443 37.00 -24.05 -11.34
N LYS A 444 36.44 -22.88 -11.48
CA LYS A 444 37.18 -21.66 -11.27
C LYS A 444 37.79 -21.52 -9.91
N TYR A 445 37.12 -21.97 -8.85
CA TYR A 445 37.74 -21.71 -7.57
C TYR A 445 37.97 -22.94 -6.77
N PHE A 446 37.44 -24.03 -7.27
CA PHE A 446 37.50 -25.26 -6.52
C PHE A 446 38.22 -26.35 -7.27
N SER A 447 38.77 -26.03 -8.43
CA SER A 447 39.46 -27.03 -9.22
C SER A 447 40.83 -26.56 -9.68
N SER B 6 19.08 -0.38 -13.96
CA SER B 6 19.36 -0.31 -12.54
C SER B 6 19.01 -1.62 -11.88
N ARG B 7 19.36 -1.75 -10.61
CA ARG B 7 19.05 -2.97 -9.89
C ARG B 7 17.85 -2.85 -8.92
N LYS B 8 17.18 -1.70 -8.92
CA LYS B 8 16.00 -1.48 -8.07
C LYS B 8 14.92 -2.45 -8.49
N ARG B 9 14.12 -2.92 -7.54
CA ARG B 9 13.04 -3.87 -7.85
C ARG B 9 11.68 -3.49 -7.29
N ALA B 10 10.65 -3.74 -8.10
CA ALA B 10 9.27 -3.49 -7.72
C ALA B 10 8.88 -4.47 -6.61
N ARG B 11 7.77 -4.21 -5.96
CA ARG B 11 7.33 -5.06 -4.84
C ARG B 11 6.97 -6.49 -5.27
N GLU B 45 -5.47 -4.09 2.33
CA GLU B 45 -5.38 -3.96 3.79
C GLU B 45 -6.02 -2.64 4.24
N GLN B 46 -6.12 -1.71 3.30
CA GLN B 46 -7.12 -0.68 3.39
C GLN B 46 -8.24 -1.27 2.54
N PRO B 47 -9.46 -1.34 3.09
CA PRO B 47 -10.54 -1.88 2.24
C PRO B 47 -10.84 -0.90 1.10
N SER B 48 -11.19 -1.40 -0.07
CA SER B 48 -11.56 -0.53 -1.18
C SER B 48 -12.95 0.06 -0.97
N LYS B 49 -13.81 -0.70 -0.31
CA LYS B 49 -15.19 -0.29 -0.06
C LYS B 49 -15.56 -0.59 1.38
N ARG B 50 -16.52 0.17 1.91
CA ARG B 50 -16.97 0.02 3.29
C ARG B 50 -18.49 0.08 3.36
N ARG B 51 -19.11 -0.91 3.99
CA ARG B 51 -20.55 -0.86 4.23
C ARG B 51 -20.83 -0.20 5.59
N ARG B 52 -21.85 0.66 5.67
CA ARG B 52 -22.20 1.24 6.95
C ARG B 52 -23.19 0.34 7.68
N VAL B 53 -22.73 -0.25 8.78
CA VAL B 53 -23.53 -1.24 9.50
C VAL B 53 -24.13 -0.63 10.78
N GLU B 54 -25.21 -1.25 11.30
CA GLU B 54 -25.91 -0.81 12.51
C GLU B 54 -26.75 0.45 12.29
#